data_2VFU
#
_entry.id   2VFU
#
_cell.length_a   106.964
_cell.length_b   65.931
_cell.length_c   58.850
_cell.angle_alpha   90.00
_cell.angle_beta   94.49
_cell.angle_gamma   90.00
#
_symmetry.space_group_name_H-M   'C 1 2 1'
#
loop_
_entity.id
_entity.type
_entity.pdbx_description
1 polymer 'XYLITOL OXIDASE'
2 non-polymer 'FLAVIN-ADENINE DINUCLEOTIDE'
3 non-polymer D-MANNITOL
4 water water
#
_entity_poly.entity_id   1
_entity_poly.type   'polypeptide(L)'
_entity_poly.pdbx_seq_one_letter_code
;ISEFMSDITVTNWAGNITYTAKELLRPHSLDALRALVADSARVRVLGSGHSFNEIAEPGDGGVLLSLAGLPSVVDVDTAA
RTVRVGGGVRYAELARVVHARGLALPNMASLPHISVAGSVATGTHGSGVGNGSLASVVREVELVTADGSTVVIARGDERF
GGAVTSLGALGVVTSLTLDLEPAYEMEQHVFTELPLAGLDPATFETVMAAAYSVSLFTDWRAPGFRQVWLKRRTDRPLDG
FPYAAPAAEKMHPVPGMPAVNCTEQFGVPGPWHERLPHFRAEFTPSSGAELQSEYLMPREHALAALHAMDAIRETLAPVL
QTCEIRTVAADAQWLSPAYGRDTVAAHFTWVEDTAAVLPVVRRLEEALVPFAARPHWGKVFTVPAGELRALYPRLADFGA
LAGALDPAGKFTNAFVRGVLAG
;
_entity_poly.pdbx_strand_id   A
#
# COMPACT_ATOMS: atom_id res chain seq x y z
N ILE A 8 24.21 13.36 8.96
CA ILE A 8 23.74 12.73 7.68
C ILE A 8 22.36 13.30 7.27
N THR A 9 22.08 13.23 5.97
CA THR A 9 20.81 13.67 5.40
C THR A 9 19.98 12.43 5.09
N VAL A 10 18.82 12.34 5.71
CA VAL A 10 17.90 11.23 5.48
C VAL A 10 16.73 11.70 4.61
N THR A 11 16.44 10.94 3.55
CA THR A 11 15.33 11.22 2.63
C THR A 11 14.44 9.97 2.55
N ASN A 12 13.28 10.11 1.90
CA ASN A 12 12.45 8.95 1.57
C ASN A 12 13.05 8.23 0.34
N TRP A 13 12.39 7.17 -0.10
CA TRP A 13 12.93 6.41 -1.21
C TRP A 13 12.96 7.23 -2.53
N ALA A 14 11.86 7.92 -2.86
CA ALA A 14 11.84 8.76 -4.09
C ALA A 14 12.77 9.97 -3.97
N GLY A 15 13.02 10.42 -2.75
CA GLY A 15 13.91 11.55 -2.57
C GLY A 15 13.22 12.91 -2.60
N ASN A 16 11.91 12.97 -2.83
CA ASN A 16 11.22 14.26 -2.79
C ASN A 16 11.03 14.77 -1.36
N ILE A 17 11.22 13.91 -0.34
CA ILE A 17 11.09 14.34 1.07
C ILE A 17 12.45 14.19 1.74
N THR A 18 12.95 15.27 2.33
CA THR A 18 14.18 15.24 3.13
C THR A 18 13.74 15.45 4.59
N TYR A 19 14.09 14.49 5.45
CA TYR A 19 13.67 14.58 6.85
C TYR A 19 14.56 15.57 7.61
N THR A 20 13.99 16.18 8.65
CA THR A 20 14.71 17.14 9.48
C THR A 20 15.86 16.48 10.30
N ALA A 21 15.71 15.21 10.62
CA ALA A 21 16.68 14.52 11.47
C ALA A 21 18.10 14.49 10.88
N LYS A 22 19.09 14.78 11.72
CA LYS A 22 20.52 14.76 11.35
C LYS A 22 21.14 13.39 11.59
N GLU A 23 20.31 12.46 12.09
CA GLU A 23 20.72 11.07 12.36
C GLU A 23 19.52 10.09 12.38
N LEU A 24 19.74 8.91 11.80
CA LEU A 24 18.78 7.84 11.83
C LEU A 24 19.14 6.88 12.97
N LEU A 25 18.39 6.95 14.08
CA LEU A 25 18.68 6.06 15.23
C LEU A 25 18.34 4.61 14.89
N ARG A 26 19.31 3.71 15.09
CA ARG A 26 19.16 2.30 14.76
C ARG A 26 19.57 1.41 15.92
N PRO A 27 18.73 1.34 16.99
CA PRO A 27 19.07 0.54 18.18
C PRO A 27 19.31 -0.92 17.79
N HIS A 28 20.24 -1.59 18.45
CA HIS A 28 20.59 -2.95 18.06
C HIS A 28 19.98 -4.01 18.97
N SER A 29 19.21 -3.58 19.97
CA SER A 29 18.50 -4.49 20.87
C SER A 29 17.15 -3.87 21.26
N LEU A 30 16.26 -4.73 21.72
CA LEU A 30 14.93 -4.29 22.12
C LEU A 30 15.10 -3.44 23.36
N ASP A 31 16.10 -3.80 24.17
CA ASP A 31 16.39 -3.05 25.40
C ASP A 31 16.79 -1.62 25.09
N ALA A 32 17.69 -1.48 24.10
CA ALA A 32 18.07 -0.18 23.53
C ALA A 32 16.83 0.57 22.99
N LEU A 33 15.98 -0.15 22.25
CA LEU A 33 14.80 0.44 21.63
C LEU A 33 13.87 1.00 22.70
N ARG A 34 13.52 0.19 23.70
CA ARG A 34 12.59 0.61 24.75
C ARG A 34 13.11 1.82 25.49
N ALA A 35 14.41 1.80 25.81
CA ALA A 35 15.03 2.91 26.51
C ALA A 35 15.00 4.16 25.64
N LEU A 36 15.46 4.05 24.38
CA LEU A 36 15.39 5.16 23.42
C LEU A 36 14.00 5.79 23.31
N VAL A 37 12.97 4.95 23.19
CA VAL A 37 11.60 5.45 23.11
C VAL A 37 11.19 6.18 24.43
N ALA A 38 11.41 5.52 25.57
CA ALA A 38 11.06 6.07 26.90
C ALA A 38 11.70 7.43 27.13
N ASP A 39 12.96 7.57 26.69
CA ASP A 39 13.75 8.79 26.83
C ASP A 39 13.66 9.84 25.71
N SER A 40 12.80 9.64 24.71
CA SER A 40 12.65 10.62 23.64
C SER A 40 11.31 11.26 23.73
N ALA A 41 11.26 12.58 23.52
CA ALA A 41 10.00 13.33 23.64
C ALA A 41 9.02 13.06 22.50
N ARG A 42 9.56 12.96 21.27
CA ARG A 42 8.76 12.65 20.08
C ARG A 42 9.51 11.72 19.15
N VAL A 43 8.76 10.75 18.61
CA VAL A 43 9.35 9.72 17.79
C VAL A 43 8.48 9.45 16.58
N ARG A 44 9.12 9.25 15.43
CA ARG A 44 8.47 8.59 14.29
C ARG A 44 9.41 7.48 13.78
N VAL A 45 8.85 6.35 13.34
CA VAL A 45 9.66 5.26 12.78
C VAL A 45 9.81 5.50 11.27
N LEU A 46 11.01 5.26 10.75
CA LEU A 46 11.23 5.14 9.31
C LEU A 46 11.32 3.63 9.01
N GLY A 47 10.50 3.20 8.06
CA GLY A 47 10.55 1.87 7.50
C GLY A 47 11.48 1.91 6.30
N SER A 48 10.93 1.63 5.14
CA SER A 48 11.77 1.65 3.94
C SER A 48 11.56 2.94 3.12
N GLY A 49 10.90 3.93 3.71
CA GLY A 49 10.68 5.22 3.01
C GLY A 49 9.85 5.27 1.71
N HIS A 50 9.03 4.23 1.45
CA HIS A 50 8.14 4.24 0.28
C HIS A 50 6.84 5.06 0.46
N SER A 51 6.89 6.06 1.35
CA SER A 51 5.84 7.07 1.44
C SER A 51 6.35 8.28 0.61
N PHE A 52 5.43 9.17 0.20
CA PHE A 52 5.71 10.30 -0.67
C PHE A 52 5.38 11.67 -0.09
N ASN A 53 5.14 11.68 1.21
CA ASN A 53 4.72 12.86 1.94
C ASN A 53 5.49 12.90 3.28
N GLU A 54 5.05 13.73 4.23
CA GLU A 54 5.74 13.89 5.55
C GLU A 54 5.22 13.00 6.68
N ILE A 55 4.61 11.86 6.32
CA ILE A 55 4.08 10.95 7.33
C ILE A 55 5.19 10.45 8.31
N ALA A 56 6.40 10.16 7.79
CA ALA A 56 7.50 9.72 8.65
C ALA A 56 8.32 10.84 9.30
N GLU A 57 8.05 12.09 8.91
CA GLU A 57 8.77 13.23 9.42
C GLU A 57 8.52 13.47 10.94
N PRO A 58 9.58 13.42 11.78
CA PRO A 58 9.31 13.61 13.24
C PRO A 58 9.23 15.06 13.73
N GLY A 59 9.51 16.02 12.85
CA GLY A 59 9.62 17.44 13.25
C GLY A 59 10.97 17.74 13.88
N ASP A 60 11.37 19.02 13.94
CA ASP A 60 12.65 19.40 14.58
C ASP A 60 12.70 18.91 16.03
N GLY A 61 13.83 18.34 16.41
CA GLY A 61 13.99 17.78 17.76
C GLY A 61 13.35 16.42 18.00
N GLY A 62 12.51 15.96 17.08
CA GLY A 62 12.00 14.60 17.07
C GLY A 62 13.05 13.57 16.63
N VAL A 63 12.89 12.36 17.13
CA VAL A 63 13.78 11.27 16.84
C VAL A 63 13.19 10.48 15.65
N LEU A 64 14.00 10.22 14.66
CA LEU A 64 13.63 9.35 13.57
C LEU A 64 14.32 8.05 13.85
N LEU A 65 13.54 7.00 14.06
CA LEU A 65 14.15 5.70 14.40
C LEU A 65 13.80 4.61 13.38
N SER A 66 14.78 3.74 13.13
CA SER A 66 14.61 2.61 12.21
C SER A 66 14.82 1.28 12.97
N LEU A 67 14.16 0.21 12.51
CA LEU A 67 14.39 -1.13 13.07
C LEU A 67 15.43 -1.95 12.30
N ALA A 68 16.12 -1.28 11.38
CA ALA A 68 17.19 -1.88 10.56
C ALA A 68 18.31 -2.56 11.33
N GLY A 69 18.58 -2.08 12.54
CA GLY A 69 19.64 -2.63 13.38
C GLY A 69 19.17 -3.79 14.20
N LEU A 70 17.85 -4.07 14.22
CA LEU A 70 17.31 -5.26 14.93
C LEU A 70 17.25 -6.51 14.07
N PRO A 71 17.35 -7.73 14.67
CA PRO A 71 17.26 -8.92 13.80
C PRO A 71 15.98 -8.99 12.95
N SER A 72 16.14 -9.38 11.66
CA SER A 72 14.97 -9.52 10.76
C SER A 72 14.26 -10.85 10.92
N VAL A 73 13.59 -11.03 12.07
CA VAL A 73 12.88 -12.29 12.44
C VAL A 73 11.73 -12.67 11.50
N VAL A 74 11.79 -13.89 10.94
CA VAL A 74 10.67 -14.45 10.17
C VAL A 74 10.51 -15.87 10.68
N ASP A 75 9.50 -16.05 11.51
CA ASP A 75 9.35 -17.32 12.25
C ASP A 75 8.04 -17.99 11.87
N VAL A 76 8.13 -18.97 10.96
CA VAL A 76 6.94 -19.64 10.45
C VAL A 76 6.46 -20.76 11.40
N ASP A 77 5.18 -20.72 11.76
CA ASP A 77 4.55 -21.82 12.44
C ASP A 77 3.70 -22.60 11.42
N THR A 78 4.23 -23.72 10.97
CA THR A 78 3.60 -24.42 9.87
C THR A 78 2.32 -25.14 10.31
N ALA A 79 2.23 -25.58 11.56
CA ALA A 79 1.02 -26.23 12.06
C ALA A 79 -0.10 -25.24 12.19
N ALA A 80 0.20 -24.06 12.76
CA ALA A 80 -0.79 -23.01 12.93
C ALA A 80 -1.03 -22.17 11.66
N ARG A 81 -0.17 -22.34 10.64
CA ARG A 81 -0.18 -21.50 9.39
C ARG A 81 -0.13 -20.00 9.70
N THR A 82 0.86 -19.62 10.51
CA THR A 82 1.12 -18.24 10.88
C THR A 82 2.61 -17.96 10.78
N VAL A 83 2.95 -16.67 10.70
CA VAL A 83 4.35 -16.22 10.64
C VAL A 83 4.50 -14.98 11.51
N ARG A 84 5.49 -15.04 12.42
CA ARG A 84 5.85 -13.88 13.25
C ARG A 84 7.00 -13.13 12.53
N VAL A 85 6.82 -11.83 12.31
CA VAL A 85 7.77 -11.06 11.52
C VAL A 85 8.21 -9.77 12.23
N GLY A 86 9.50 -9.46 12.24
CA GLY A 86 9.96 -8.14 12.71
C GLY A 86 9.31 -7.00 11.90
N GLY A 87 9.07 -5.85 12.52
CA GLY A 87 8.46 -4.68 11.83
C GLY A 87 9.26 -4.20 10.61
N GLY A 88 10.58 -4.21 10.77
CA GLY A 88 11.49 -3.86 9.66
C GLY A 88 11.81 -4.93 8.59
N VAL A 89 11.26 -6.14 8.73
CA VAL A 89 11.34 -7.13 7.65
C VAL A 89 10.56 -6.59 6.40
N ARG A 90 11.13 -6.81 5.20
CA ARG A 90 10.48 -6.49 3.93
C ARG A 90 9.77 -7.72 3.34
N TYR A 91 8.73 -7.49 2.54
CA TYR A 91 7.94 -8.56 1.91
C TYR A 91 8.77 -9.54 1.04
N ALA A 92 9.79 -9.07 0.35
CA ALA A 92 10.61 -9.95 -0.48
C ALA A 92 11.21 -11.12 0.34
N GLU A 93 11.78 -10.81 1.53
CA GLU A 93 12.33 -11.87 2.39
C GLU A 93 11.22 -12.65 3.11
N LEU A 94 10.20 -11.96 3.62
CA LEU A 94 9.04 -12.66 4.15
C LEU A 94 8.49 -13.76 3.20
N ALA A 95 8.27 -13.39 1.93
CA ALA A 95 7.64 -14.29 0.94
C ALA A 95 8.53 -15.48 0.65
N ARG A 96 9.80 -15.19 0.37
CA ARG A 96 10.82 -16.23 0.11
C ARG A 96 10.81 -17.27 1.25
N VAL A 97 10.87 -16.80 2.49
CA VAL A 97 10.82 -17.66 3.68
C VAL A 97 9.52 -18.48 3.80
N VAL A 98 8.36 -17.84 3.69
CA VAL A 98 7.12 -18.62 3.92
C VAL A 98 6.93 -19.60 2.76
N HIS A 99 7.35 -19.20 1.55
CA HIS A 99 7.21 -20.10 0.39
C HIS A 99 8.05 -21.38 0.57
N ALA A 100 9.25 -21.20 1.10
CA ALA A 100 10.16 -22.33 1.30
C ALA A 100 9.62 -23.28 2.38
N ARG A 101 8.66 -22.81 3.16
CA ARG A 101 7.98 -23.65 4.14
C ARG A 101 6.62 -24.19 3.63
N GLY A 102 6.36 -24.05 2.33
CA GLY A 102 5.11 -24.56 1.72
C GLY A 102 3.88 -23.68 1.96
N LEU A 103 4.10 -22.40 2.31
CA LEU A 103 2.96 -21.52 2.61
C LEU A 103 3.07 -20.19 1.82
N ALA A 104 2.05 -19.34 1.97
CA ALA A 104 1.86 -18.18 1.11
C ALA A 104 0.98 -17.12 1.76
N LEU A 105 1.20 -15.87 1.32
CA LEU A 105 0.28 -14.77 1.57
C LEU A 105 -0.84 -14.72 0.51
N PRO A 106 -2.04 -14.17 0.86
CA PRO A 106 -3.10 -14.03 -0.16
C PRO A 106 -2.87 -12.87 -1.11
N ASN A 107 -1.98 -11.94 -0.76
CA ASN A 107 -1.66 -10.81 -1.68
C ASN A 107 -0.31 -10.17 -1.36
N MET A 108 0.16 -9.39 -2.32
CA MET A 108 1.39 -8.63 -2.26
C MET A 108 1.16 -7.30 -2.99
N ALA A 109 1.96 -6.29 -2.61
CA ALA A 109 2.00 -5.00 -3.33
C ALA A 109 2.77 -5.17 -4.66
N SER A 110 2.87 -4.09 -5.44
CA SER A 110 3.47 -4.16 -6.79
C SER A 110 4.96 -4.49 -6.73
N LEU A 111 5.62 -4.08 -5.62
CA LEU A 111 7.08 -4.19 -5.50
C LEU A 111 7.32 -4.68 -4.07
N PRO A 112 8.08 -5.78 -3.94
CA PRO A 112 8.23 -6.51 -2.68
C PRO A 112 9.23 -5.93 -1.64
N HIS A 113 10.09 -4.99 -2.06
CA HIS A 113 11.12 -4.41 -1.21
C HIS A 113 10.63 -3.29 -0.28
N ILE A 114 9.51 -3.58 0.40
CA ILE A 114 8.91 -2.61 1.34
C ILE A 114 8.69 -3.23 2.70
N SER A 115 8.91 -2.44 3.75
CA SER A 115 8.77 -2.97 5.10
C SER A 115 7.33 -3.45 5.36
N VAL A 116 7.18 -4.57 6.06
CA VAL A 116 5.86 -5.07 6.38
C VAL A 116 5.15 -4.08 7.31
N ALA A 117 5.76 -3.67 8.42
CA ALA A 117 5.13 -2.72 9.31
C ALA A 117 4.73 -1.41 8.60
N GLY A 118 5.62 -0.87 7.75
CA GLY A 118 5.32 0.38 7.03
C GLY A 118 4.15 0.21 6.08
N SER A 119 4.10 -0.94 5.41
CA SER A 119 3.07 -1.24 4.43
C SER A 119 1.69 -1.23 5.03
N VAL A 120 1.50 -1.98 6.11
CA VAL A 120 0.17 -2.11 6.73
C VAL A 120 -0.20 -0.81 7.48
N ALA A 121 0.80 -0.01 7.88
CA ALA A 121 0.53 1.27 8.58
C ALA A 121 -0.37 2.29 7.80
N THR A 122 -0.38 2.18 6.47
CA THR A 122 -0.97 3.23 5.63
C THR A 122 -2.11 2.77 4.73
N GLY A 123 -2.39 1.46 4.76
CA GLY A 123 -3.43 0.86 3.91
C GLY A 123 -2.97 0.22 2.62
N THR A 124 -1.70 -0.16 2.54
CA THR A 124 -1.17 -0.80 1.34
C THR A 124 -1.98 -2.03 0.93
N HIS A 125 -2.19 -2.19 -0.39
CA HIS A 125 -3.07 -3.26 -0.94
C HIS A 125 -2.54 -3.67 -2.32
N GLY A 126 -2.90 -4.87 -2.77
CA GLY A 126 -2.76 -5.19 -4.19
C GLY A 126 -4.13 -5.09 -4.85
N SER A 127 -4.49 -6.11 -5.64
CA SER A 127 -5.78 -6.15 -6.32
C SER A 127 -6.48 -7.49 -6.14
N GLY A 128 -7.77 -7.50 -6.51
CA GLY A 128 -8.65 -8.68 -6.41
C GLY A 128 -9.89 -8.38 -5.60
N VAL A 129 -11.05 -8.73 -6.16
CA VAL A 129 -12.34 -8.32 -5.59
C VAL A 129 -12.60 -9.00 -4.22
N GLY A 130 -11.96 -10.16 -4.02
CA GLY A 130 -12.07 -10.90 -2.75
C GLY A 130 -10.83 -10.80 -1.88
N ASN A 131 -9.88 -9.96 -2.25
CA ASN A 131 -8.61 -9.89 -1.52
C ASN A 131 -8.59 -8.62 -0.72
N GLY A 132 -8.47 -8.78 0.60
CA GLY A 132 -8.26 -7.66 1.50
C GLY A 132 -6.89 -7.01 1.33
N SER A 133 -6.76 -5.82 1.94
CA SER A 133 -5.49 -5.08 2.06
C SER A 133 -4.43 -5.98 2.70
N LEU A 134 -3.21 -5.51 2.68
CA LEU A 134 -2.16 -6.31 3.29
C LEU A 134 -2.34 -6.40 4.82
N ALA A 135 -2.94 -5.36 5.42
CA ALA A 135 -3.24 -5.35 6.87
C ALA A 135 -4.20 -6.44 7.29
N SER A 136 -5.00 -6.92 6.34
CA SER A 136 -6.10 -7.81 6.65
C SER A 136 -5.71 -9.20 7.15
N VAL A 137 -4.50 -9.67 6.82
CA VAL A 137 -4.02 -10.98 7.29
C VAL A 137 -3.33 -10.89 8.67
N VAL A 138 -3.12 -9.66 9.14
CA VAL A 138 -2.47 -9.44 10.45
C VAL A 138 -3.44 -9.86 11.57
N ARG A 139 -3.01 -10.80 12.40
CA ARG A 139 -3.80 -11.26 13.54
C ARG A 139 -3.32 -10.70 14.89
N GLU A 140 -2.11 -10.15 14.94
CA GLU A 140 -1.58 -9.62 16.19
C GLU A 140 -0.47 -8.61 15.92
N VAL A 141 -0.40 -7.58 16.75
CA VAL A 141 0.70 -6.60 16.71
C VAL A 141 1.30 -6.44 18.11
N GLU A 142 2.62 -6.32 18.15
CA GLU A 142 3.37 -6.01 19.35
C GLU A 142 3.94 -4.60 19.23
N LEU A 143 3.59 -3.77 20.20
CA LEU A 143 3.98 -2.35 20.18
C LEU A 143 4.85 -2.01 21.38
N VAL A 144 5.93 -1.30 21.13
CA VAL A 144 6.65 -0.58 22.18
C VAL A 144 5.97 0.79 22.29
N THR A 145 5.34 1.03 23.43
CA THR A 145 4.57 2.22 23.64
C THR A 145 5.44 3.36 24.21
N ALA A 146 4.80 4.53 24.43
CA ALA A 146 5.53 5.77 24.72
C ALA A 146 6.39 5.70 25.97
N ASP A 147 5.99 4.88 26.94
CA ASP A 147 6.80 4.74 28.16
C ASP A 147 7.86 3.62 28.10
N GLY A 148 7.98 2.96 26.95
CA GLY A 148 8.92 1.87 26.81
C GLY A 148 8.30 0.49 27.00
N SER A 149 7.07 0.44 27.53
CA SER A 149 6.43 -0.85 27.77
C SER A 149 5.75 -1.44 26.52
N THR A 150 5.69 -2.78 26.48
CA THR A 150 5.07 -3.51 25.36
C THR A 150 3.60 -3.76 25.57
N VAL A 151 2.81 -3.42 24.55
CA VAL A 151 1.39 -3.77 24.46
C VAL A 151 1.16 -4.67 23.23
N VAL A 152 0.51 -5.81 23.47
CA VAL A 152 0.14 -6.74 22.40
C VAL A 152 -1.36 -6.61 22.15
N ILE A 153 -1.74 -6.33 20.90
CA ILE A 153 -3.16 -6.27 20.57
C ILE A 153 -3.44 -7.33 19.49
N ALA A 154 -4.50 -8.11 19.67
CA ALA A 154 -4.78 -9.23 18.78
C ALA A 154 -6.20 -9.15 18.27
N ARG A 155 -6.45 -9.81 17.15
CA ARG A 155 -7.76 -9.91 16.55
C ARG A 155 -8.76 -10.35 17.63
N GLY A 156 -9.92 -9.72 17.69
CA GLY A 156 -10.84 -9.98 18.80
C GLY A 156 -10.83 -8.90 19.86
N ASP A 157 -9.69 -8.24 20.07
CA ASP A 157 -9.65 -7.07 20.96
C ASP A 157 -10.52 -5.95 20.36
N GLU A 158 -11.27 -5.24 21.20
CA GLU A 158 -12.07 -4.09 20.76
C GLU A 158 -11.21 -2.96 20.13
N ARG A 159 -9.96 -2.92 20.50
CA ARG A 159 -9.06 -1.93 19.95
C ARG A 159 -8.37 -2.39 18.67
N PHE A 160 -8.58 -3.65 18.24
CA PHE A 160 -7.77 -4.21 17.14
C PHE A 160 -7.95 -3.45 15.82
N GLY A 161 -9.15 -2.93 15.63
CA GLY A 161 -9.51 -2.20 14.43
C GLY A 161 -8.68 -0.95 14.14
N GLY A 162 -8.08 -0.35 15.17
CA GLY A 162 -7.20 0.82 14.96
C GLY A 162 -5.74 0.51 15.18
N ALA A 163 -5.43 -0.77 15.38
CA ALA A 163 -4.07 -1.20 15.81
C ALA A 163 -3.10 -1.59 14.68
N VAL A 164 -3.62 -1.87 13.49
CA VAL A 164 -2.75 -2.37 12.42
C VAL A 164 -2.42 -1.21 11.44
N THR A 165 -3.46 -0.62 10.87
CA THR A 165 -3.30 0.57 10.02
C THR A 165 -3.42 1.81 10.94
N SER A 166 -2.30 2.19 11.54
CA SER A 166 -2.34 3.22 12.62
C SER A 166 -1.50 4.42 12.30
N LEU A 167 -0.98 4.51 11.06
CA LEU A 167 -0.04 5.60 10.71
C LEU A 167 1.17 5.72 11.67
N GLY A 168 1.61 4.59 12.23
CA GLY A 168 2.69 4.58 13.25
C GLY A 168 2.39 5.41 14.50
N ALA A 169 1.12 5.69 14.78
CA ALA A 169 0.84 6.71 15.80
C ALA A 169 0.49 6.12 17.20
N LEU A 170 0.67 4.81 17.37
CA LEU A 170 0.34 4.10 18.60
C LEU A 170 1.63 3.74 19.38
N GLY A 171 2.74 3.72 18.66
CA GLY A 171 4.02 3.26 19.15
C GLY A 171 4.78 2.50 18.07
N VAL A 172 5.87 1.87 18.47
CA VAL A 172 6.73 1.21 17.51
C VAL A 172 6.29 -0.25 17.37
N VAL A 173 5.90 -0.62 16.15
CA VAL A 173 5.51 -2.04 15.91
C VAL A 173 6.77 -2.89 15.79
N THR A 174 7.04 -3.73 16.80
CA THR A 174 8.29 -4.50 16.81
C THR A 174 8.12 -5.88 16.17
N SER A 175 6.90 -6.39 16.24
CA SER A 175 6.52 -7.64 15.60
C SER A 175 5.08 -7.58 15.14
N LEU A 176 4.79 -8.37 14.11
CA LEU A 176 3.43 -8.61 13.64
C LEU A 176 3.29 -10.12 13.39
N THR A 177 2.11 -10.68 13.63
CA THR A 177 1.82 -12.06 13.28
C THR A 177 0.81 -12.11 12.18
N LEU A 178 1.09 -12.94 11.18
CA LEU A 178 0.31 -12.97 9.96
C LEU A 178 -0.20 -14.38 9.67
N ASP A 179 -1.46 -14.45 9.22
CA ASP A 179 -2.08 -15.68 8.76
C ASP A 179 -1.67 -16.01 7.34
N LEU A 180 -1.48 -17.31 7.12
CA LEU A 180 -1.01 -17.83 5.85
C LEU A 180 -1.93 -18.92 5.28
N GLU A 181 -1.75 -19.26 4.01
CA GLU A 181 -2.44 -20.38 3.35
C GLU A 181 -1.45 -21.23 2.61
N PRO A 182 -1.85 -22.44 2.19
CA PRO A 182 -0.94 -23.29 1.43
C PRO A 182 -0.34 -22.57 0.22
N ALA A 183 0.94 -22.79 -0.04
CA ALA A 183 1.59 -22.23 -1.25
C ALA A 183 0.83 -22.54 -2.56
N TYR A 184 0.69 -21.56 -3.43
CA TYR A 184 -0.08 -21.75 -4.67
C TYR A 184 0.67 -21.19 -5.86
N GLU A 185 0.35 -21.71 -7.06
CA GLU A 185 0.92 -21.27 -8.31
C GLU A 185 -0.06 -20.34 -9.06
N MET A 186 0.54 -19.47 -9.87
CA MET A 186 -0.20 -18.44 -10.61
C MET A 186 0.37 -18.24 -11.99
N GLU A 187 -0.49 -17.79 -12.89
CA GLU A 187 -0.05 -17.39 -14.23
C GLU A 187 -0.45 -15.96 -14.43
N GLN A 188 0.35 -15.26 -15.20
CA GLN A 188 0.12 -13.86 -15.44
C GLN A 188 -0.11 -13.68 -16.96
N HIS A 189 -1.34 -13.32 -17.35
CA HIS A 189 -1.72 -13.02 -18.76
C HIS A 189 -1.98 -11.51 -18.98
N VAL A 190 -1.24 -10.91 -19.92
CA VAL A 190 -1.36 -9.49 -20.20
C VAL A 190 -2.06 -9.23 -21.55
N PHE A 191 -2.91 -8.19 -21.56
CA PHE A 191 -3.69 -7.79 -22.72
C PHE A 191 -3.48 -6.34 -23.03
N THR A 192 -3.68 -5.95 -24.28
CA THR A 192 -3.50 -4.53 -24.61
C THR A 192 -4.80 -3.92 -25.19
N GLU A 193 -5.01 -2.62 -24.95
CA GLU A 193 -6.09 -1.84 -25.55
C GLU A 193 -7.48 -2.36 -25.14
N LEU A 194 -7.82 -2.14 -23.87
CA LEU A 194 -9.19 -2.35 -23.41
C LEU A 194 -9.94 -1.03 -23.49
N PRO A 195 -10.94 -0.95 -24.40
CA PRO A 195 -11.64 0.35 -24.58
C PRO A 195 -12.45 0.71 -23.34
N LEU A 196 -12.48 2.00 -23.03
CA LEU A 196 -13.43 2.53 -22.08
C LEU A 196 -14.84 2.55 -22.67
N ALA A 197 -14.96 2.89 -23.96
CA ALA A 197 -16.24 2.94 -24.66
C ALA A 197 -16.90 1.55 -24.58
N GLY A 198 -18.16 1.51 -24.15
CA GLY A 198 -18.85 0.22 -24.06
C GLY A 198 -18.50 -0.59 -22.83
N LEU A 199 -17.56 -0.10 -22.02
CA LEU A 199 -17.22 -0.78 -20.76
C LEU A 199 -18.32 -0.42 -19.78
N ASP A 200 -19.42 -1.17 -19.85
CA ASP A 200 -20.58 -0.88 -19.03
C ASP A 200 -20.43 -1.46 -17.62
N PRO A 201 -21.34 -1.10 -16.68
CA PRO A 201 -21.21 -1.67 -15.31
C PRO A 201 -20.99 -3.20 -15.27
N ALA A 202 -21.76 -3.97 -16.05
CA ALA A 202 -21.58 -5.43 -16.08
C ALA A 202 -20.21 -5.91 -16.63
N THR A 203 -19.73 -5.28 -17.72
CA THR A 203 -18.46 -5.67 -18.34
C THR A 203 -17.27 -5.29 -17.42
N PHE A 204 -17.38 -4.15 -16.73
CA PHE A 204 -16.34 -3.69 -15.83
C PHE A 204 -16.19 -4.68 -14.64
N GLU A 205 -17.34 -5.06 -14.08
CA GLU A 205 -17.36 -6.12 -13.07
C GLU A 205 -16.72 -7.45 -13.55
N THR A 206 -17.15 -7.93 -14.73
CA THR A 206 -16.55 -9.13 -15.35
C THR A 206 -15.02 -9.02 -15.48
N VAL A 207 -14.55 -7.93 -16.08
CA VAL A 207 -13.13 -7.70 -16.25
C VAL A 207 -12.40 -7.73 -14.91
N MET A 208 -12.88 -7.00 -13.90
CA MET A 208 -12.11 -6.96 -12.62
C MET A 208 -12.10 -8.26 -11.80
N ALA A 209 -13.10 -9.13 -12.04
CA ALA A 209 -13.27 -10.42 -11.41
C ALA A 209 -12.72 -11.57 -12.28
N ALA A 210 -12.16 -11.24 -13.46
CA ALA A 210 -11.69 -12.26 -14.43
C ALA A 210 -10.52 -13.15 -13.93
N ALA A 211 -9.80 -12.70 -12.91
CA ALA A 211 -8.73 -13.49 -12.31
C ALA A 211 -8.61 -13.06 -10.85
N TYR A 212 -7.78 -13.81 -10.12
CA TYR A 212 -7.61 -13.61 -8.70
C TYR A 212 -7.22 -12.15 -8.38
N SER A 213 -6.30 -11.60 -9.16
CA SER A 213 -5.94 -10.19 -9.08
C SER A 213 -5.88 -9.62 -10.50
N VAL A 214 -6.50 -8.46 -10.69
CA VAL A 214 -6.55 -7.83 -12.03
C VAL A 214 -6.19 -6.35 -11.90
N SER A 215 -5.25 -5.87 -12.70
CA SER A 215 -5.02 -4.43 -12.79
C SER A 215 -5.31 -3.91 -14.18
N LEU A 216 -5.86 -2.70 -14.25
CA LEU A 216 -5.88 -1.93 -15.50
C LEU A 216 -4.79 -0.87 -15.42
N PHE A 217 -4.13 -0.61 -16.55
CA PHE A 217 -3.21 0.50 -16.69
C PHE A 217 -3.58 1.37 -17.87
N THR A 218 -3.38 2.67 -17.71
CA THR A 218 -3.52 3.61 -18.80
C THR A 218 -2.60 4.80 -18.61
N ASP A 219 -2.35 5.50 -19.72
CA ASP A 219 -1.55 6.72 -19.73
C ASP A 219 -2.43 7.98 -19.85
N TRP A 220 -3.75 7.73 -20.01
CA TRP A 220 -4.79 8.77 -20.12
C TRP A 220 -4.53 9.58 -21.40
N ARG A 221 -3.96 8.92 -22.40
CA ARG A 221 -3.63 9.55 -23.68
C ARG A 221 -4.65 9.14 -24.71
N ALA A 222 -4.42 8.10 -25.51
CA ALA A 222 -5.52 7.58 -26.35
C ALA A 222 -6.73 7.14 -25.44
N PRO A 223 -8.00 7.32 -25.90
CA PRO A 223 -9.07 6.79 -25.04
C PRO A 223 -8.87 5.33 -24.63
N GLY A 224 -9.36 4.98 -23.44
CA GLY A 224 -9.37 3.61 -23.02
C GLY A 224 -8.09 3.21 -22.27
N PHE A 225 -7.91 1.92 -22.11
CA PHE A 225 -6.86 1.44 -21.24
C PHE A 225 -5.79 0.78 -22.09
N ARG A 226 -4.52 1.02 -21.73
CA ARG A 226 -3.34 0.49 -22.46
C ARG A 226 -3.13 -1.01 -22.23
N GLN A 227 -3.30 -1.45 -21.00
CA GLN A 227 -2.97 -2.82 -20.57
C GLN A 227 -3.94 -3.33 -19.53
N VAL A 228 -4.16 -4.63 -19.57
CA VAL A 228 -4.86 -5.39 -18.54
C VAL A 228 -3.98 -6.56 -18.10
N TRP A 229 -3.78 -6.68 -16.80
CA TRP A 229 -2.96 -7.76 -16.26
C TRP A 229 -3.89 -8.71 -15.47
N LEU A 230 -3.97 -9.98 -15.91
CA LEU A 230 -4.70 -11.00 -15.20
C LEU A 230 -3.65 -11.83 -14.49
N LYS A 231 -3.70 -11.80 -13.16
CA LYS A 231 -2.92 -12.71 -12.32
C LYS A 231 -3.85 -13.80 -11.83
N ARG A 232 -3.68 -14.97 -12.43
CA ARG A 232 -4.64 -16.05 -12.19
C ARG A 232 -4.01 -17.16 -11.37
N ARG A 233 -4.75 -17.70 -10.41
CA ARG A 233 -4.32 -18.87 -9.65
C ARG A 233 -4.56 -20.11 -10.55
N THR A 234 -3.54 -20.92 -10.73
CA THR A 234 -3.72 -22.16 -11.51
C THR A 234 -4.71 -23.18 -10.90
N ASP A 235 -5.06 -23.04 -9.62
CA ASP A 235 -6.10 -23.88 -9.03
C ASP A 235 -7.51 -23.29 -9.19
N ARG A 236 -7.66 -22.35 -10.12
CA ARG A 236 -8.95 -21.74 -10.42
C ARG A 236 -9.15 -21.72 -11.94
N PRO A 237 -10.42 -21.81 -12.40
CA PRO A 237 -10.79 -21.61 -13.81
C PRO A 237 -10.28 -20.28 -14.40
N LEU A 238 -9.86 -20.31 -15.66
CA LEU A 238 -9.67 -19.07 -16.39
C LEU A 238 -10.48 -19.13 -17.68
N ASP A 239 -11.50 -18.29 -17.76
CA ASP A 239 -12.29 -18.19 -18.98
C ASP A 239 -11.55 -17.34 -20.01
N GLY A 240 -11.95 -17.48 -21.27
CA GLY A 240 -11.46 -16.60 -22.32
C GLY A 240 -11.66 -15.16 -21.88
N PHE A 241 -10.77 -14.29 -22.33
CA PHE A 241 -10.85 -12.89 -22.01
C PHE A 241 -11.00 -12.14 -23.31
N PRO A 242 -12.26 -12.03 -23.81
CA PRO A 242 -12.45 -11.49 -25.16
C PRO A 242 -12.29 -9.97 -25.30
N TYR A 243 -12.11 -9.26 -24.20
CA TYR A 243 -12.26 -7.82 -24.17
C TYR A 243 -11.11 -6.98 -24.71
N ALA A 244 -9.94 -7.61 -24.89
CA ALA A 244 -8.73 -6.88 -25.32
C ALA A 244 -7.80 -7.94 -25.91
N ALA A 245 -6.84 -7.52 -26.72
CA ALA A 245 -5.93 -8.41 -27.46
C ALA A 245 -4.81 -8.95 -26.54
N PRO A 246 -4.47 -10.26 -26.65
CA PRO A 246 -3.37 -10.79 -25.86
C PRO A 246 -2.07 -10.08 -26.24
N ALA A 247 -1.23 -9.80 -25.24
CA ALA A 247 0.03 -9.08 -25.46
C ALA A 247 0.94 -9.96 -26.33
N ALA A 248 1.58 -9.34 -27.32
CA ALA A 248 2.52 -10.06 -28.19
C ALA A 248 3.93 -10.05 -27.58
N GLU A 249 4.22 -9.02 -26.77
CA GLU A 249 5.51 -8.89 -26.09
C GLU A 249 5.36 -8.77 -24.57
N LYS A 250 6.49 -8.92 -23.86
CA LYS A 250 6.55 -8.68 -22.41
C LYS A 250 6.36 -7.19 -22.15
N MET A 251 5.45 -6.86 -21.24
CA MET A 251 5.02 -5.49 -21.01
C MET A 251 5.55 -4.91 -19.69
N HIS A 252 5.74 -3.60 -19.67
CA HIS A 252 5.91 -2.85 -18.43
C HIS A 252 4.69 -1.94 -18.26
N PRO A 253 4.11 -1.86 -17.04
CA PRO A 253 2.95 -0.98 -16.83
C PRO A 253 3.14 0.48 -17.32
N VAL A 254 4.40 0.97 -17.29
CA VAL A 254 4.74 2.30 -17.82
C VAL A 254 5.28 2.18 -19.23
N PRO A 255 4.55 2.77 -20.20
CA PRO A 255 4.99 2.69 -21.61
C PRO A 255 6.40 3.26 -21.71
N GLY A 256 7.32 2.54 -22.34
CA GLY A 256 8.71 3.03 -22.46
C GLY A 256 9.73 2.66 -21.39
N MET A 257 9.31 1.84 -20.42
CA MET A 257 10.19 1.39 -19.35
C MET A 257 10.58 -0.08 -19.59
N PRO A 258 11.71 -0.53 -18.98
CA PRO A 258 12.24 -1.86 -19.30
C PRO A 258 11.39 -3.03 -18.75
N ALA A 259 10.79 -3.80 -19.65
CA ALA A 259 9.92 -4.95 -19.28
C ALA A 259 10.68 -6.08 -18.59
N VAL A 260 11.99 -6.14 -18.80
CA VAL A 260 12.88 -7.06 -18.08
C VAL A 260 12.71 -6.96 -16.55
N ASN A 261 12.50 -5.74 -16.05
CA ASN A 261 12.23 -5.51 -14.60
C ASN A 261 11.01 -6.30 -14.06
N CYS A 262 10.13 -6.73 -14.96
CA CYS A 262 8.80 -7.15 -14.53
C CYS A 262 8.67 -8.65 -14.29
N THR A 263 7.68 -9.03 -13.48
CA THR A 263 7.34 -10.46 -13.34
C THR A 263 6.88 -11.12 -14.68
N GLU A 264 7.06 -12.43 -14.72
CA GLU A 264 7.01 -13.23 -15.95
C GLU A 264 5.56 -13.29 -16.40
N GLN A 265 5.38 -13.15 -17.71
CA GLN A 265 4.05 -13.05 -18.31
C GLN A 265 3.83 -14.23 -19.29
N PHE A 266 2.95 -14.04 -20.28
CA PHE A 266 2.55 -15.10 -21.21
C PHE A 266 1.96 -16.38 -20.59
N GLY A 267 1.37 -16.26 -19.40
CA GLY A 267 0.69 -17.35 -18.74
C GLY A 267 1.58 -18.46 -18.21
N VAL A 268 2.88 -18.18 -18.05
CA VAL A 268 3.87 -19.13 -17.56
C VAL A 268 3.72 -19.26 -16.05
N PRO A 269 3.36 -20.47 -15.60
CA PRO A 269 3.06 -20.76 -14.19
C PRO A 269 4.32 -20.59 -13.36
N GLY A 270 4.15 -20.05 -12.16
CA GLY A 270 5.25 -19.85 -11.22
C GLY A 270 4.65 -19.63 -9.82
N PRO A 271 5.49 -19.62 -8.78
CA PRO A 271 4.96 -19.44 -7.44
C PRO A 271 4.30 -18.06 -7.28
N TRP A 272 3.28 -18.06 -6.41
CA TRP A 272 2.53 -16.87 -5.99
C TRP A 272 3.40 -15.60 -5.81
N HIS A 273 4.56 -15.73 -5.16
CA HIS A 273 5.33 -14.54 -4.76
C HIS A 273 6.20 -14.01 -5.92
N GLU A 274 6.20 -14.77 -7.02
CA GLU A 274 6.86 -14.37 -8.24
C GLU A 274 5.85 -13.93 -9.30
N ARG A 275 4.58 -13.80 -8.90
CA ARG A 275 3.49 -13.43 -9.82
C ARG A 275 2.60 -12.30 -9.29
N LEU A 276 2.43 -12.24 -7.96
CA LEU A 276 1.65 -11.14 -7.35
C LEU A 276 2.29 -9.76 -7.56
N PRO A 277 3.62 -9.59 -7.33
CA PRO A 277 4.23 -8.28 -7.63
C PRO A 277 4.27 -8.08 -9.15
N HIS A 278 4.36 -6.83 -9.60
CA HIS A 278 4.57 -6.51 -11.01
C HIS A 278 6.07 -6.52 -11.34
N PHE A 279 6.89 -6.49 -10.30
CA PHE A 279 8.35 -6.35 -10.45
C PHE A 279 9.05 -7.53 -9.80
N ARG A 280 10.01 -8.09 -10.52
CA ARG A 280 10.71 -9.27 -10.01
C ARG A 280 11.70 -8.91 -8.89
N ALA A 281 11.99 -9.92 -8.07
CA ALA A 281 12.81 -9.74 -6.85
C ALA A 281 14.16 -9.10 -7.15
N GLU A 282 14.73 -9.42 -8.32
CA GLU A 282 16.00 -8.86 -8.77
C GLU A 282 15.97 -7.34 -9.03
N PHE A 283 14.80 -6.81 -9.35
CA PHE A 283 14.71 -5.36 -9.56
C PHE A 283 14.74 -4.67 -8.18
N THR A 284 15.86 -4.02 -7.87
CA THR A 284 16.06 -3.44 -6.54
C THR A 284 16.51 -1.95 -6.61
N PRO A 285 15.61 -1.07 -7.07
CA PRO A 285 15.98 0.34 -7.17
C PRO A 285 16.17 0.93 -5.74
N SER A 286 17.26 1.68 -5.54
CA SER A 286 17.52 2.36 -4.26
C SER A 286 16.74 3.67 -4.15
N SER A 287 16.20 4.16 -5.27
CA SER A 287 15.34 5.36 -5.35
C SER A 287 14.52 5.27 -6.61
N GLY A 288 13.54 6.14 -6.74
CA GLY A 288 12.75 6.24 -7.96
C GLY A 288 12.46 7.67 -8.37
N ALA A 289 12.39 7.90 -9.67
CA ALA A 289 12.11 9.24 -10.17
C ALA A 289 10.59 9.30 -10.45
N GLU A 290 9.79 9.27 -9.37
CA GLU A 290 8.35 9.29 -9.46
C GLU A 290 7.76 9.90 -8.21
N LEU A 291 6.51 10.34 -8.36
CA LEU A 291 5.66 10.60 -7.24
C LEU A 291 4.48 9.63 -7.44
N GLN A 292 3.72 9.44 -6.37
CA GLN A 292 2.54 8.58 -6.40
C GLN A 292 1.38 9.29 -5.69
N SER A 293 0.17 9.10 -6.22
CA SER A 293 -1.10 9.40 -5.48
C SER A 293 -2.00 8.19 -5.65
N GLU A 294 -2.93 7.98 -4.73
CA GLU A 294 -3.96 6.94 -4.97
C GLU A 294 -5.24 7.26 -4.21
N TYR A 295 -6.37 7.03 -4.89
CA TYR A 295 -7.68 7.34 -4.31
C TYR A 295 -8.53 6.11 -4.26
N LEU A 296 -9.06 5.83 -3.07
CA LEU A 296 -9.84 4.60 -2.87
C LEU A 296 -11.31 4.93 -2.59
N MET A 297 -12.18 4.36 -3.44
CA MET A 297 -13.61 4.74 -3.51
C MET A 297 -14.51 3.50 -3.39
N PRO A 298 -15.80 3.70 -3.01
CA PRO A 298 -16.74 2.58 -3.05
C PRO A 298 -16.71 2.00 -4.46
N ARG A 299 -16.70 0.68 -4.56
CA ARG A 299 -16.54 0.00 -5.86
C ARG A 299 -17.64 0.37 -6.85
N GLU A 300 -18.83 0.69 -6.34
CA GLU A 300 -19.97 1.05 -7.20
C GLU A 300 -19.76 2.37 -7.97
N HIS A 301 -18.84 3.20 -7.46
CA HIS A 301 -18.46 4.40 -8.18
C HIS A 301 -17.36 4.26 -9.25
N ALA A 302 -16.89 3.03 -9.53
CA ALA A 302 -15.68 2.88 -10.36
C ALA A 302 -15.82 3.49 -11.76
N LEU A 303 -16.92 3.16 -12.43
CA LEU A 303 -17.10 3.63 -13.80
C LEU A 303 -17.27 5.14 -13.88
N ALA A 304 -18.08 5.71 -12.99
CA ALA A 304 -18.26 7.17 -12.90
C ALA A 304 -16.91 7.88 -12.66
N ALA A 305 -16.08 7.34 -11.76
CA ALA A 305 -14.76 7.92 -11.47
C ALA A 305 -13.86 7.82 -12.72
N LEU A 306 -13.90 6.69 -13.40
CA LEU A 306 -13.09 6.47 -14.60
C LEU A 306 -13.50 7.47 -15.68
N HIS A 307 -14.83 7.64 -15.82
CA HIS A 307 -15.32 8.67 -16.73
C HIS A 307 -14.96 10.10 -16.30
N ALA A 308 -14.87 10.36 -14.99
CA ALA A 308 -14.41 11.69 -14.55
C ALA A 308 -12.93 11.98 -14.96
N MET A 309 -12.08 11.00 -14.78
CA MET A 309 -10.69 11.05 -15.26
C MET A 309 -10.58 11.20 -16.78
N ASP A 310 -11.31 10.36 -17.51
CA ASP A 310 -11.32 10.43 -18.97
C ASP A 310 -11.62 11.86 -19.44
N ALA A 311 -12.64 12.49 -18.84
CA ALA A 311 -13.04 13.82 -19.26
C ALA A 311 -12.02 14.93 -18.91
N ILE A 312 -11.08 14.65 -18.02
CA ILE A 312 -9.95 15.56 -17.75
C ILE A 312 -8.60 15.00 -18.18
N ARG A 313 -8.59 14.05 -19.12
CA ARG A 313 -7.38 13.25 -19.34
C ARG A 313 -6.23 14.09 -19.91
N GLU A 314 -6.58 15.16 -20.65
CA GLU A 314 -5.55 16.12 -21.14
C GLU A 314 -4.79 16.84 -20.02
N THR A 315 -5.40 16.89 -18.85
CA THR A 315 -4.78 17.47 -17.69
C THR A 315 -3.85 16.50 -16.96
N LEU A 316 -4.33 15.27 -16.84
CA LEU A 316 -3.65 14.16 -16.18
C LEU A 316 -2.42 13.73 -16.95
N ALA A 317 -2.56 13.54 -18.27
CA ALA A 317 -1.53 12.89 -19.08
C ALA A 317 -0.11 13.49 -19.02
N PRO A 318 0.02 14.82 -19.16
CA PRO A 318 1.37 15.38 -19.29
C PRO A 318 2.29 15.12 -18.06
N VAL A 319 1.71 14.87 -16.87
CA VAL A 319 2.52 14.64 -15.65
C VAL A 319 2.49 13.18 -15.19
N LEU A 320 1.94 12.32 -16.05
CA LEU A 320 1.70 10.92 -15.72
C LEU A 320 2.65 9.93 -16.38
N GLN A 321 3.15 8.99 -15.58
CA GLN A 321 3.87 7.85 -16.13
C GLN A 321 2.87 6.74 -16.43
N THR A 322 2.13 6.32 -15.39
CA THR A 322 1.03 5.37 -15.58
C THR A 322 -0.04 5.49 -14.50
N CYS A 323 -1.26 5.15 -14.87
CA CYS A 323 -2.39 5.03 -13.93
C CYS A 323 -2.79 3.53 -13.78
N GLU A 324 -2.88 3.07 -12.54
CA GLU A 324 -3.26 1.68 -12.24
C GLU A 324 -4.60 1.61 -11.49
N ILE A 325 -5.53 0.83 -12.03
CA ILE A 325 -6.88 0.63 -11.45
C ILE A 325 -6.98 -0.78 -10.88
N ARG A 326 -7.34 -0.88 -9.59
CA ARG A 326 -7.37 -2.14 -8.84
C ARG A 326 -8.65 -2.21 -8.01
N THR A 327 -8.85 -3.37 -7.35
CA THR A 327 -9.96 -3.58 -6.44
C THR A 327 -9.39 -4.09 -5.10
N VAL A 328 -10.12 -3.86 -4.02
CA VAL A 328 -9.76 -4.28 -2.66
C VAL A 328 -11.08 -4.64 -1.98
N ALA A 329 -11.10 -5.78 -1.30
CA ALA A 329 -12.24 -6.15 -0.45
C ALA A 329 -12.29 -5.20 0.78
N ALA A 330 -13.49 -4.93 1.31
CA ALA A 330 -13.70 -4.07 2.52
C ALA A 330 -12.73 -4.45 3.68
N ASP A 331 -12.16 -3.43 4.34
CA ASP A 331 -11.17 -3.60 5.39
C ASP A 331 -11.83 -3.39 6.74
N ALA A 332 -11.45 -4.14 7.77
CA ALA A 332 -11.88 -3.87 9.17
C ALA A 332 -11.13 -2.72 9.86
N GLN A 333 -9.90 -2.44 9.39
CA GLN A 333 -9.12 -1.34 9.98
C GLN A 333 -9.79 -0.02 9.74
N TRP A 334 -10.03 0.66 10.85
CA TRP A 334 -10.66 1.97 10.92
C TRP A 334 -10.04 3.05 10.01
N LEU A 335 -8.72 3.08 9.87
CA LEU A 335 -8.08 4.07 9.00
C LEU A 335 -7.68 3.53 7.63
N SER A 336 -8.02 2.29 7.35
CA SER A 336 -7.79 1.78 6.00
C SER A 336 -8.64 2.62 5.01
N PRO A 337 -8.02 3.12 3.94
CA PRO A 337 -8.87 3.76 2.90
C PRO A 337 -9.96 2.82 2.32
N ALA A 338 -9.73 1.50 2.46
CA ALA A 338 -10.73 0.51 2.12
C ALA A 338 -11.68 0.17 3.29
N TYR A 339 -11.69 0.95 4.37
CA TYR A 339 -12.54 0.64 5.54
C TYR A 339 -14.01 0.46 5.15
N GLY A 340 -14.59 -0.68 5.52
CA GLY A 340 -16.05 -0.82 5.55
C GLY A 340 -16.76 -0.99 4.23
N ARG A 341 -16.04 -0.95 3.10
CA ARG A 341 -16.68 -0.99 1.80
C ARG A 341 -15.79 -1.67 0.77
N ASP A 342 -16.38 -2.55 -0.04
CA ASP A 342 -15.66 -3.00 -1.24
C ASP A 342 -15.24 -1.79 -2.09
N THR A 343 -14.02 -1.82 -2.58
CA THR A 343 -13.31 -0.63 -3.00
C THR A 343 -12.77 -0.82 -4.41
N VAL A 344 -12.83 0.25 -5.19
CA VAL A 344 -12.01 0.44 -6.38
C VAL A 344 -10.89 1.45 -6.02
N ALA A 345 -9.66 1.14 -6.46
CA ALA A 345 -8.52 2.05 -6.25
C ALA A 345 -8.04 2.62 -7.59
N ALA A 346 -7.81 3.93 -7.61
CA ALA A 346 -7.17 4.58 -8.79
C ALA A 346 -5.87 5.25 -8.37
N HIS A 347 -4.78 4.63 -8.83
CA HIS A 347 -3.43 5.03 -8.48
C HIS A 347 -2.77 5.79 -9.67
N PHE A 348 -1.98 6.82 -9.37
CA PHE A 348 -1.22 7.61 -10.37
C PHE A 348 0.27 7.60 -9.99
N THR A 349 1.06 6.98 -10.84
CA THR A 349 2.55 7.14 -10.76
C THR A 349 2.87 8.35 -11.64
N TRP A 350 3.16 9.46 -11.00
CA TRP A 350 3.48 10.72 -11.69
C TRP A 350 5.00 10.83 -12.05
N VAL A 351 5.32 11.75 -12.96
CA VAL A 351 6.68 12.31 -13.09
C VAL A 351 7.03 13.00 -11.77
N GLU A 352 8.33 12.98 -11.41
CA GLU A 352 8.78 13.66 -10.19
C GLU A 352 8.97 15.16 -10.44
N ASP A 353 7.87 15.88 -10.41
CA ASP A 353 7.90 17.32 -10.62
C ASP A 353 6.80 17.86 -9.74
N THR A 354 7.16 18.15 -8.49
CA THR A 354 6.15 18.50 -7.49
C THR A 354 5.29 19.70 -7.93
N ALA A 355 5.95 20.77 -8.37
CA ALA A 355 5.29 22.01 -8.81
C ALA A 355 4.25 21.78 -9.92
N ALA A 356 4.53 20.86 -10.85
CA ALA A 356 3.61 20.57 -11.93
C ALA A 356 2.49 19.58 -11.51
N VAL A 357 2.80 18.69 -10.55
CA VAL A 357 1.89 17.58 -10.18
C VAL A 357 0.83 18.03 -9.21
N LEU A 358 1.21 18.89 -8.25
CA LEU A 358 0.23 19.35 -7.25
C LEU A 358 -1.03 20.01 -7.83
N PRO A 359 -0.88 20.95 -8.80
CA PRO A 359 -2.10 21.50 -9.44
C PRO A 359 -3.03 20.47 -10.03
N VAL A 360 -2.45 19.45 -10.66
CA VAL A 360 -3.19 18.35 -11.28
C VAL A 360 -3.83 17.45 -10.20
N VAL A 361 -3.07 17.17 -9.13
CA VAL A 361 -3.63 16.46 -7.96
C VAL A 361 -4.90 17.18 -7.40
N ARG A 362 -4.85 18.51 -7.28
CA ARG A 362 -6.03 19.25 -6.74
C ARG A 362 -7.22 19.12 -7.70
N ARG A 363 -6.93 19.24 -9.00
CA ARG A 363 -7.94 19.10 -10.05
C ARG A 363 -8.60 17.69 -10.07
N LEU A 364 -7.77 16.62 -10.04
CA LEU A 364 -8.26 15.24 -9.85
C LEU A 364 -9.12 15.11 -8.58
N GLU A 365 -8.65 15.65 -7.47
CA GLU A 365 -9.40 15.55 -6.20
C GLU A 365 -10.78 16.18 -6.33
N GLU A 366 -10.89 17.35 -6.97
CA GLU A 366 -12.17 18.03 -7.21
C GLU A 366 -13.11 17.16 -8.03
N ALA A 367 -12.57 16.46 -9.03
CA ALA A 367 -13.36 15.56 -9.87
C ALA A 367 -13.87 14.33 -9.10
N LEU A 368 -13.10 13.89 -8.10
CA LEU A 368 -13.47 12.65 -7.37
C LEU A 368 -14.30 12.87 -6.08
N VAL A 369 -14.44 14.14 -5.69
CA VAL A 369 -15.13 14.50 -4.44
C VAL A 369 -16.50 13.83 -4.24
N PRO A 370 -17.35 13.78 -5.27
CA PRO A 370 -18.63 13.13 -4.97
C PRO A 370 -18.54 11.59 -4.76
N PHE A 371 -17.38 10.98 -5.06
CA PHE A 371 -17.23 9.53 -4.90
C PHE A 371 -16.62 9.09 -3.55
N ALA A 372 -16.63 9.98 -2.56
CA ALA A 372 -16.08 9.74 -1.23
C ALA A 372 -14.68 9.11 -1.33
N ALA A 373 -13.83 9.70 -2.19
CA ALA A 373 -12.47 9.20 -2.45
C ALA A 373 -11.57 9.42 -1.27
N ARG A 374 -11.11 8.32 -0.68
CA ARG A 374 -10.12 8.39 0.40
C ARG A 374 -8.67 8.26 -0.12
N PRO A 375 -7.80 9.26 0.14
CA PRO A 375 -6.43 9.08 -0.35
C PRO A 375 -5.63 8.07 0.44
N HIS A 376 -4.75 7.37 -0.29
CA HIS A 376 -3.72 6.53 0.33
C HIS A 376 -2.79 7.41 1.21
N TRP A 377 -2.72 7.06 2.50
CA TRP A 377 -1.99 7.80 3.52
C TRP A 377 -0.50 7.91 3.23
N GLY A 378 0.06 6.97 2.45
CA GLY A 378 1.51 6.95 2.11
C GLY A 378 1.85 7.75 0.88
N LYS A 379 0.83 8.29 0.20
CA LYS A 379 0.98 8.93 -1.12
C LYS A 379 0.61 10.43 -1.09
N VAL A 380 0.84 11.13 -2.21
CA VAL A 380 0.66 12.59 -2.28
C VAL A 380 -0.85 12.85 -2.36
N PHE A 381 -1.36 13.75 -1.52
CA PHE A 381 -2.77 14.18 -1.62
C PHE A 381 -2.86 15.58 -1.06
N THR A 382 -3.94 16.29 -1.42
CA THR A 382 -4.19 17.63 -0.91
C THR A 382 -5.56 17.78 -0.22
N VAL A 383 -6.28 16.68 -0.06
CA VAL A 383 -7.64 16.74 0.53
C VAL A 383 -7.47 17.38 1.90
N PRO A 384 -8.26 18.44 2.17
CA PRO A 384 -8.26 19.11 3.47
C PRO A 384 -8.62 18.22 4.65
N ALA A 385 -7.96 18.45 5.77
CA ALA A 385 -8.09 17.64 6.98
C ALA A 385 -9.52 17.42 7.45
N GLY A 386 -10.36 18.45 7.36
CA GLY A 386 -11.77 18.35 7.78
C GLY A 386 -12.58 17.43 6.88
N GLU A 387 -12.37 17.55 5.58
CA GLU A 387 -12.97 16.62 4.64
C GLU A 387 -12.50 15.20 4.86
N LEU A 388 -11.21 15.03 5.13
CA LEU A 388 -10.64 13.71 5.41
C LEU A 388 -11.34 13.03 6.61
N ARG A 389 -11.44 13.76 7.71
CA ARG A 389 -12.11 13.23 8.88
C ARG A 389 -13.53 12.79 8.57
N ALA A 390 -14.28 13.61 7.83
CA ALA A 390 -15.64 13.24 7.35
C ALA A 390 -15.70 11.94 6.52
N LEU A 391 -14.58 11.50 5.95
CA LEU A 391 -14.57 10.31 5.12
C LEU A 391 -14.43 9.00 5.91
N TYR A 392 -14.03 9.09 7.18
CA TYR A 392 -13.78 7.90 7.98
C TYR A 392 -14.78 7.78 9.14
N PRO A 393 -15.79 6.90 9.01
CA PRO A 393 -16.77 6.71 10.10
C PRO A 393 -16.15 6.46 11.49
N ARG A 394 -15.03 5.75 11.57
CA ARG A 394 -14.46 5.40 12.88
C ARG A 394 -13.13 6.11 13.24
N LEU A 395 -12.92 7.26 12.62
CA LEU A 395 -11.75 8.05 12.91
C LEU A 395 -11.73 8.51 14.38
N ALA A 396 -12.90 8.93 14.88
CA ALA A 396 -13.05 9.32 16.30
C ALA A 396 -12.54 8.24 17.24
N ASP A 397 -12.83 6.99 16.91
CA ASP A 397 -12.42 5.85 17.74
C ASP A 397 -10.91 5.61 17.63
N PHE A 398 -10.34 5.83 16.44
CA PHE A 398 -8.90 5.87 16.34
C PHE A 398 -8.26 6.93 17.26
N GLY A 399 -8.76 8.17 17.17
CA GLY A 399 -8.27 9.28 18.00
C GLY A 399 -8.28 8.96 19.50
N ALA A 400 -9.33 8.27 19.95
CA ALA A 400 -9.45 7.87 21.35
C ALA A 400 -8.48 6.76 21.73
N LEU A 401 -8.27 5.81 20.82
CA LEU A 401 -7.27 4.77 21.01
C LEU A 401 -5.84 5.38 21.11
N ALA A 402 -5.50 6.28 20.19
CA ALA A 402 -4.19 6.98 20.25
C ALA A 402 -4.01 7.78 21.58
N GLY A 403 -5.07 8.47 22.00
CA GLY A 403 -5.06 9.23 23.26
C GLY A 403 -4.81 8.29 24.45
N ALA A 404 -5.35 7.07 24.37
CA ALA A 404 -5.27 6.17 25.49
C ALA A 404 -3.87 5.56 25.56
N LEU A 405 -3.33 5.17 24.40
CA LEU A 405 -2.05 4.51 24.38
C LEU A 405 -0.89 5.48 24.39
N ASP A 406 -1.15 6.70 23.93
CA ASP A 406 -0.08 7.72 23.75
C ASP A 406 -0.63 9.09 24.17
N PRO A 407 -0.95 9.25 25.47
CA PRO A 407 -1.59 10.46 26.00
C PRO A 407 -0.83 11.75 25.70
N ALA A 408 0.51 11.72 25.70
CA ALA A 408 1.33 12.90 25.40
C ALA A 408 1.51 13.11 23.89
N GLY A 409 1.02 12.17 23.08
CA GLY A 409 1.25 12.30 21.61
C GLY A 409 2.72 12.20 21.17
N LYS A 410 3.50 11.35 21.85
CA LYS A 410 4.89 11.13 21.48
C LYS A 410 4.99 10.74 19.99
N PHE A 411 4.05 9.91 19.52
CA PHE A 411 4.11 9.34 18.16
C PHE A 411 3.23 10.11 17.15
N THR A 412 2.73 11.27 17.59
CA THR A 412 1.95 12.15 16.75
C THR A 412 2.86 13.25 16.22
N ASN A 413 2.99 13.32 14.90
CA ASN A 413 3.69 14.43 14.22
C ASN A 413 2.70 15.39 13.59
N ALA A 414 3.23 16.39 12.86
CA ALA A 414 2.35 17.35 12.20
C ALA A 414 1.35 16.66 11.26
N PHE A 415 1.80 15.67 10.50
CA PHE A 415 0.97 14.88 9.58
C PHE A 415 -0.23 14.24 10.29
N VAL A 416 0.06 13.44 11.33
CA VAL A 416 -0.98 12.80 12.12
C VAL A 416 -1.89 13.79 12.87
N ARG A 417 -1.27 14.82 13.48
CA ARG A 417 -2.01 15.88 14.18
C ARG A 417 -3.09 16.52 13.29
N GLY A 418 -2.71 16.82 12.04
CA GLY A 418 -3.60 17.46 11.08
C GLY A 418 -4.79 16.54 10.87
N VAL A 419 -4.49 15.27 10.64
CA VAL A 419 -5.52 14.25 10.45
C VAL A 419 -6.56 14.22 11.55
N LEU A 420 -6.10 14.05 12.79
CA LEU A 420 -6.96 14.00 13.95
C LEU A 420 -7.55 15.37 14.36
N ALA A 421 -6.77 16.44 14.19
CA ALA A 421 -7.08 17.78 14.72
C ALA A 421 -8.35 17.86 15.58
#